data_2PSQ
#
_entry.id   2PSQ
#
_cell.length_a   106.610
_cell.length_b   118.605
_cell.length_c   63.124
_cell.angle_alpha   90.00
_cell.angle_beta   90.00
_cell.angle_gamma   90.00
#
_symmetry.space_group_name_H-M   'P 21 21 2'
#
loop_
_entity.id
_entity.type
_entity.pdbx_description
1 polymer 'Fibroblast growth factor receptor 2'
2 non-polymer 'SULFATE ION'
3 water water
#
_entity_poly.entity_id   1
_entity_poly.type   'polypeptide(L)'
_entity_poly.pdbx_seq_one_letter_code
;MGSSHHHHHHSQDPPAVHKLTKRIPLRRQVTVSAESSSSMNSNTPLVRITTRLSSTADTPMLAGVSEYELPEDPKWEFPR
DKLTLGKPLGEGCFGQVVMAEAVGIDKDKPKEAVTVAVKMLKDDATEKDLSDLVSEMEMMKMIGKHKNIINLLGACTQDG
PLYVIVEYASKGNLREYLRARRPPGMEYSYDINRVPEEQMTFKDLVSCTYQLARGMEYLASQKCIHRDLAARNVLVTENN
VMKIADFGLARDINNIDYYKKTTNGRLPVKWMAPEALFDRVYTHQSDVWSFGVLMWEIFTLGGSPYPGIPVEELFKLLKE
GHRMDKPANCTNELYMMMRDCWHAVPSQRPTFKQLVEDLDRILTLTTNEE
;
_entity_poly.pdbx_strand_id   A,B
#
loop_
_chem_comp.id
_chem_comp.type
_chem_comp.name
_chem_comp.formula
SO4 non-polymer 'SULFATE ION' 'O4 S -2'
#
# COMPACT_ATOMS: atom_id res chain seq x y z
N LEU A 70 2.26 0.26 -24.69
CA LEU A 70 0.94 0.84 -24.33
C LEU A 70 0.36 1.59 -25.53
N PRO A 71 -0.94 1.36 -25.83
CA PRO A 71 -1.66 1.99 -26.95
C PRO A 71 -1.46 3.50 -27.09
N GLU A 72 -1.75 4.02 -28.28
CA GLU A 72 -1.60 5.45 -28.53
C GLU A 72 -2.96 6.14 -28.52
N ASP A 73 -3.12 7.09 -27.61
CA ASP A 73 -4.37 7.85 -27.50
C ASP A 73 -4.03 9.33 -27.61
N PRO A 74 -4.00 9.84 -28.86
CA PRO A 74 -3.70 11.22 -29.26
C PRO A 74 -4.40 12.31 -28.44
N LYS A 75 -5.69 12.11 -28.20
CA LYS A 75 -6.48 13.07 -27.45
C LYS A 75 -5.92 13.43 -26.08
N TRP A 76 -5.27 12.47 -25.44
CA TRP A 76 -4.73 12.72 -24.11
C TRP A 76 -3.22 12.79 -23.99
N GLU A 77 -2.51 12.25 -24.98
CA GLU A 77 -1.06 12.26 -24.92
C GLU A 77 -0.53 13.67 -24.73
N PHE A 78 0.40 13.83 -23.80
CA PHE A 78 1.02 15.12 -23.52
C PHE A 78 2.54 14.91 -23.61
N PRO A 79 3.25 15.81 -24.30
CA PRO A 79 4.71 15.72 -24.44
C PRO A 79 5.49 15.80 -23.14
N ARG A 80 6.37 14.81 -22.92
CA ARG A 80 7.19 14.75 -21.72
C ARG A 80 8.06 15.97 -21.49
N ASP A 81 8.55 16.56 -22.58
CA ASP A 81 9.42 17.73 -22.50
C ASP A 81 8.70 19.02 -22.07
N LYS A 82 7.38 18.99 -22.08
CA LYS A 82 6.59 20.15 -21.69
C LYS A 82 6.12 20.00 -20.26
N LEU A 83 6.74 19.07 -19.53
CA LEU A 83 6.39 18.80 -18.15
C LEU A 83 7.62 18.84 -17.25
N THR A 84 7.51 19.52 -16.12
CA THR A 84 8.62 19.62 -15.17
C THR A 84 8.21 19.17 -13.77
N LEU A 85 8.49 17.91 -13.48
CA LEU A 85 8.17 17.32 -12.18
C LEU A 85 8.73 18.13 -11.01
N GLY A 86 7.91 18.28 -9.97
CA GLY A 86 8.31 19.04 -8.80
C GLY A 86 8.30 18.19 -7.54
N LYS A 87 8.11 18.83 -6.40
CA LYS A 87 8.11 18.12 -5.12
C LYS A 87 6.93 17.16 -4.93
N PRO A 88 7.17 16.08 -4.15
CA PRO A 88 6.21 15.04 -3.83
C PRO A 88 4.92 15.54 -3.18
N LEU A 89 3.81 14.90 -3.52
CA LEU A 89 2.52 15.25 -2.95
C LEU A 89 2.01 14.01 -2.24
N GLY A 90 1.31 14.21 -1.12
CA GLY A 90 0.77 13.08 -0.38
C GLY A 90 1.79 12.32 0.46
N GLU A 91 1.40 11.13 0.92
CA GLU A 91 2.29 10.31 1.74
C GLU A 91 3.12 9.38 0.86
N GLY A 92 2.54 8.91 -0.24
CA GLY A 92 3.25 8.04 -1.17
C GLY A 92 3.30 6.56 -0.83
N CYS A 93 2.19 6.04 -0.30
CA CYS A 93 2.13 4.64 0.09
C CYS A 93 1.87 3.68 -1.06
N PHE A 94 0.80 3.92 -1.81
CA PHE A 94 0.42 3.03 -2.91
C PHE A 94 0.78 3.57 -4.30
N GLY A 95 1.47 4.69 -4.33
CA GLY A 95 1.88 5.28 -5.59
C GLY A 95 2.68 6.53 -5.39
N GLN A 96 3.16 7.11 -6.48
CA GLN A 96 3.94 8.33 -6.40
C GLN A 96 3.21 9.45 -7.15
N VAL A 97 2.92 10.53 -6.42
CA VAL A 97 2.25 11.68 -6.98
C VAL A 97 3.12 12.90 -6.68
N VAL A 98 3.42 13.68 -7.70
CA VAL A 98 4.23 14.86 -7.50
C VAL A 98 3.59 16.08 -8.11
N MET A 99 3.99 17.25 -7.63
CA MET A 99 3.47 18.49 -8.18
C MET A 99 4.26 18.72 -9.46
N ALA A 100 3.72 19.48 -10.41
CA ALA A 100 4.45 19.72 -11.64
C ALA A 100 3.91 20.90 -12.44
N GLU A 101 4.74 21.40 -13.35
CA GLU A 101 4.39 22.52 -14.21
C GLU A 101 4.22 21.98 -15.63
N ALA A 102 3.02 22.09 -16.18
CA ALA A 102 2.76 21.62 -17.52
C ALA A 102 2.57 22.82 -18.44
N VAL A 103 3.47 22.96 -19.40
CA VAL A 103 3.42 24.07 -20.35
C VAL A 103 2.48 23.76 -21.52
N GLY A 104 1.39 24.52 -21.61
CA GLY A 104 0.43 24.31 -22.68
C GLY A 104 -0.52 23.13 -22.48
N ILE A 105 -0.76 22.73 -21.23
CA ILE A 105 -1.69 21.63 -20.98
C ILE A 105 -3.09 22.15 -21.33
N ASP A 106 -3.26 23.46 -21.24
CA ASP A 106 -4.51 24.11 -21.61
C ASP A 106 -4.28 24.56 -23.05
N LYS A 107 -4.80 23.81 -24.01
CA LYS A 107 -4.62 24.12 -25.43
C LYS A 107 -4.81 25.59 -25.80
N ASP A 108 -5.68 26.31 -25.09
CA ASP A 108 -5.90 27.72 -25.42
C ASP A 108 -4.74 28.63 -25.00
N LYS A 109 -3.84 28.11 -24.18
CA LYS A 109 -2.66 28.85 -23.73
C LYS A 109 -1.40 28.01 -23.95
N PRO A 110 -1.04 27.77 -25.21
CA PRO A 110 0.12 26.98 -25.66
C PRO A 110 1.47 27.26 -25.00
N LYS A 111 1.66 28.47 -24.49
CA LYS A 111 2.93 28.84 -23.87
C LYS A 111 2.83 29.03 -22.37
N GLU A 112 1.67 28.74 -21.80
CA GLU A 112 1.48 28.90 -20.36
C GLU A 112 1.73 27.63 -19.56
N ALA A 113 2.41 27.80 -18.43
CA ALA A 113 2.72 26.69 -17.54
C ALA A 113 1.61 26.57 -16.49
N VAL A 114 0.99 25.40 -16.44
CA VAL A 114 -0.08 25.13 -15.49
C VAL A 114 0.38 24.16 -14.43
N THR A 115 0.15 24.49 -13.17
CA THR A 115 0.53 23.61 -12.08
C THR A 115 -0.43 22.43 -12.06
N VAL A 116 0.11 21.22 -12.19
CA VAL A 116 -0.72 20.03 -12.20
C VAL A 116 -0.17 18.98 -11.23
N ALA A 117 -0.91 17.88 -11.09
CA ALA A 117 -0.50 16.78 -10.23
C ALA A 117 -0.21 15.61 -11.15
N VAL A 118 0.84 14.85 -10.85
CA VAL A 118 1.20 13.72 -11.69
C VAL A 118 1.30 12.40 -10.93
N LYS A 119 0.57 11.39 -11.41
CA LYS A 119 0.61 10.08 -10.78
C LYS A 119 1.49 9.15 -11.59
N MET A 120 2.41 8.47 -10.91
CA MET A 120 3.33 7.54 -11.54
C MET A 120 3.65 6.42 -10.57
N LEU A 121 4.41 5.44 -11.03
CA LEU A 121 4.77 4.30 -10.19
C LEU A 121 5.94 4.56 -9.27
N LYS A 122 5.88 3.97 -8.07
CA LYS A 122 6.97 4.10 -7.12
C LYS A 122 8.13 3.26 -7.63
N ASP A 123 9.29 3.43 -7.00
CA ASP A 123 10.48 2.70 -7.40
C ASP A 123 10.27 1.20 -7.26
N ASP A 124 9.48 0.79 -6.28
CA ASP A 124 9.25 -0.64 -6.07
C ASP A 124 7.85 -1.13 -6.47
N ALA A 125 7.29 -0.53 -7.50
CA ALA A 125 5.96 -0.91 -7.97
C ALA A 125 5.94 -2.34 -8.50
N THR A 126 4.75 -2.95 -8.46
CA THR A 126 4.57 -4.32 -8.95
C THR A 126 3.88 -4.23 -10.30
N GLU A 127 3.76 -5.37 -11.00
CA GLU A 127 3.11 -5.40 -12.29
C GLU A 127 1.67 -4.91 -12.15
N LYS A 128 1.01 -5.37 -11.07
CA LYS A 128 -0.37 -5.00 -10.78
C LYS A 128 -0.55 -3.51 -10.54
N ASP A 129 0.48 -2.88 -9.98
CA ASP A 129 0.41 -1.44 -9.74
C ASP A 129 0.31 -0.77 -11.10
N LEU A 130 1.08 -1.26 -12.05
CA LEU A 130 1.08 -0.68 -13.39
C LEU A 130 -0.26 -0.80 -14.09
N SER A 131 -0.84 -2.01 -14.08
CA SER A 131 -2.12 -2.22 -14.74
C SER A 131 -3.25 -1.49 -14.03
N ASP A 132 -3.05 -1.20 -12.74
CA ASP A 132 -4.05 -0.45 -11.97
C ASP A 132 -3.96 1.03 -12.36
N LEU A 133 -2.76 1.55 -12.49
CA LEU A 133 -2.58 2.95 -12.88
C LEU A 133 -3.16 3.13 -14.29
N VAL A 134 -2.95 2.14 -15.14
CA VAL A 134 -3.48 2.21 -16.49
C VAL A 134 -5.01 2.30 -16.38
N SER A 135 -5.59 1.32 -15.70
CA SER A 135 -7.05 1.29 -15.52
C SER A 135 -7.58 2.58 -14.93
N GLU A 136 -6.89 3.10 -13.93
CA GLU A 136 -7.30 4.33 -13.30
C GLU A 136 -7.33 5.45 -14.35
N MET A 137 -6.32 5.45 -15.22
CA MET A 137 -6.26 6.46 -16.26
C MET A 137 -7.44 6.32 -17.22
N GLU A 138 -7.70 5.09 -17.65
CA GLU A 138 -8.81 4.86 -18.58
C GLU A 138 -10.17 5.26 -17.99
N MET A 139 -10.37 5.02 -16.70
CA MET A 139 -11.63 5.38 -16.07
C MET A 139 -11.78 6.88 -16.03
N MET A 140 -10.67 7.59 -15.76
CA MET A 140 -10.71 9.04 -15.73
C MET A 140 -11.04 9.62 -17.11
N LYS A 141 -10.69 8.89 -18.17
CA LYS A 141 -10.98 9.36 -19.52
C LYS A 141 -12.48 9.29 -19.78
N MET A 142 -13.14 8.33 -19.13
CA MET A 142 -14.57 8.14 -19.29
C MET A 142 -15.42 9.10 -18.45
N ILE A 143 -14.82 9.71 -17.44
CA ILE A 143 -15.55 10.63 -16.59
C ILE A 143 -15.48 12.07 -17.08
N GLY A 144 -16.62 12.61 -17.48
CA GLY A 144 -16.66 13.97 -17.98
C GLY A 144 -16.20 15.00 -16.97
N LYS A 145 -15.78 16.15 -17.47
CA LYS A 145 -15.30 17.22 -16.62
C LYS A 145 -16.38 17.72 -15.67
N HIS A 146 -16.03 17.83 -14.39
CA HIS A 146 -16.95 18.33 -13.40
C HIS A 146 -16.23 19.11 -12.32
N LYS A 147 -16.85 20.21 -11.93
CA LYS A 147 -16.31 21.11 -10.92
C LYS A 147 -15.86 20.40 -9.64
N ASN A 148 -16.64 19.46 -9.15
CA ASN A 148 -16.30 18.76 -7.91
C ASN A 148 -15.70 17.37 -8.12
N ILE A 149 -14.78 17.27 -9.07
CA ILE A 149 -14.15 16.01 -9.39
C ILE A 149 -12.76 16.25 -9.95
N ILE A 150 -11.79 15.47 -9.47
CA ILE A 150 -10.44 15.59 -9.98
C ILE A 150 -10.49 15.05 -11.39
N ASN A 151 -10.25 15.92 -12.36
CA ASN A 151 -10.31 15.52 -13.76
C ASN A 151 -8.95 15.26 -14.40
N LEU A 152 -8.94 14.35 -15.37
CA LEU A 152 -7.75 13.98 -16.11
C LEU A 152 -7.38 15.13 -17.05
N LEU A 153 -6.10 15.46 -17.14
CA LEU A 153 -5.63 16.54 -18.02
C LEU A 153 -4.79 15.98 -19.15
N GLY A 154 -4.04 14.92 -18.89
CA GLY A 154 -3.23 14.33 -19.92
C GLY A 154 -2.51 13.08 -19.46
N ALA A 155 -1.66 12.53 -20.32
CA ALA A 155 -0.90 11.33 -19.97
C ALA A 155 0.32 11.18 -20.88
N CYS A 156 1.43 10.75 -20.29
CA CYS A 156 2.66 10.50 -21.03
C CYS A 156 2.73 8.98 -21.02
N THR A 157 2.44 8.36 -22.16
CA THR A 157 2.39 6.92 -22.23
C THR A 157 3.41 6.23 -23.15
N GLN A 158 4.21 7.01 -23.88
CA GLN A 158 5.17 6.42 -24.80
C GLN A 158 6.62 6.70 -24.43
N ASP A 159 7.48 5.72 -24.69
CA ASP A 159 8.92 5.82 -24.43
C ASP A 159 9.27 6.42 -23.07
N GLY A 160 8.93 5.71 -22.00
CA GLY A 160 9.24 6.20 -20.68
C GLY A 160 8.22 5.81 -19.64
N PRO A 161 8.41 6.20 -18.37
CA PRO A 161 7.46 5.84 -17.32
C PRO A 161 6.09 6.48 -17.56
N LEU A 162 5.03 5.77 -17.20
CA LEU A 162 3.68 6.27 -17.37
C LEU A 162 3.38 7.40 -16.40
N TYR A 163 2.89 8.51 -16.93
CA TYR A 163 2.54 9.67 -16.13
C TYR A 163 1.07 9.97 -16.39
N VAL A 164 0.29 10.04 -15.32
CA VAL A 164 -1.13 10.35 -15.45
C VAL A 164 -1.28 11.75 -14.87
N ILE A 165 -1.50 12.71 -15.76
CA ILE A 165 -1.62 14.13 -15.39
C ILE A 165 -3.05 14.53 -15.04
N VAL A 166 -3.27 14.88 -13.79
CA VAL A 166 -4.58 15.27 -13.32
C VAL A 166 -4.54 16.66 -12.69
N GLU A 167 -5.71 17.18 -12.31
CA GLU A 167 -5.79 18.50 -11.71
C GLU A 167 -5.14 18.55 -10.33
N TYR A 168 -4.52 19.69 -10.03
CA TYR A 168 -3.85 19.94 -8.77
C TYR A 168 -4.83 20.57 -7.78
N ALA A 169 -4.68 20.24 -6.51
CA ALA A 169 -5.54 20.78 -5.44
C ALA A 169 -4.58 21.20 -4.34
N SER A 170 -4.24 22.47 -4.35
CA SER A 170 -3.28 23.04 -3.40
C SER A 170 -3.41 22.69 -1.93
N LYS A 171 -4.63 22.58 -1.42
CA LYS A 171 -4.81 22.32 0.01
C LYS A 171 -4.84 20.90 0.56
N GLY A 172 -4.64 19.90 -0.31
CA GLY A 172 -4.61 18.53 0.18
C GLY A 172 -5.94 17.83 0.42
N ASN A 173 -5.88 16.62 0.96
CA ASN A 173 -7.09 15.85 1.22
C ASN A 173 -7.93 16.44 2.35
N LEU A 174 -9.24 16.27 2.23
CA LEU A 174 -10.20 16.79 3.19
C LEU A 174 -10.00 16.38 4.65
N ARG A 175 -9.65 15.12 4.88
CA ARG A 175 -9.46 14.64 6.25
C ARG A 175 -8.49 15.53 7.00
N GLU A 176 -7.27 15.61 6.48
CA GLU A 176 -6.23 16.43 7.08
C GLU A 176 -6.67 17.89 7.11
N TYR A 177 -7.29 18.33 6.03
CA TYR A 177 -7.79 19.70 5.93
C TYR A 177 -8.72 20.04 7.10
N LEU A 178 -9.64 19.12 7.41
CA LEU A 178 -10.59 19.32 8.51
C LEU A 178 -9.92 19.22 9.88
N ARG A 179 -9.08 18.21 10.07
CA ARG A 179 -8.40 18.07 11.35
C ARG A 179 -7.61 19.34 11.66
N ALA A 180 -7.04 19.93 10.62
CA ALA A 180 -6.23 21.14 10.77
C ALA A 180 -7.04 22.37 11.17
N ARG A 181 -8.35 22.36 10.93
CA ARG A 181 -9.19 23.50 11.28
C ARG A 181 -9.98 23.25 12.57
N ARG A 182 -9.51 22.31 13.39
CA ARG A 182 -10.18 22.00 14.66
C ARG A 182 -9.78 23.00 15.74
N PRO A 183 -10.74 23.40 16.59
CA PRO A 183 -10.37 24.35 17.65
C PRO A 183 -9.35 23.70 18.57
N PRO A 184 -8.51 24.52 19.24
CA PRO A 184 -7.47 24.02 20.16
C PRO A 184 -8.01 23.05 21.21
N PRO A 196 -5.96 28.27 6.58
CA PRO A 196 -4.79 27.71 7.26
C PRO A 196 -5.15 27.11 8.63
N GLU A 197 -5.92 27.84 9.40
CA GLU A 197 -6.32 27.39 10.73
C GLU A 197 -7.61 28.04 11.22
N GLU A 198 -8.31 28.72 10.32
CA GLU A 198 -9.57 29.39 10.67
C GLU A 198 -10.68 28.35 10.76
N GLN A 199 -11.26 28.22 11.96
CA GLN A 199 -12.33 27.26 12.20
C GLN A 199 -13.39 27.21 11.10
N MET A 200 -14.03 26.05 10.95
CA MET A 200 -15.08 25.85 9.96
C MET A 200 -16.43 26.20 10.58
N THR A 201 -17.29 26.84 9.80
CA THR A 201 -18.62 27.19 10.30
C THR A 201 -19.58 26.09 9.86
N PHE A 202 -20.74 26.03 10.48
CA PHE A 202 -21.72 25.01 10.12
C PHE A 202 -22.00 25.08 8.62
N LYS A 203 -22.22 26.30 8.13
CA LYS A 203 -22.48 26.50 6.71
C LYS A 203 -21.35 25.92 5.88
N ASP A 204 -20.11 26.11 6.34
CA ASP A 204 -18.94 25.59 5.63
C ASP A 204 -19.04 24.09 5.48
N LEU A 205 -19.39 23.43 6.58
CA LEU A 205 -19.51 21.97 6.59
C LEU A 205 -20.62 21.49 5.66
N VAL A 206 -21.74 22.17 5.66
CA VAL A 206 -22.85 21.80 4.81
C VAL A 206 -22.50 22.06 3.36
N SER A 207 -21.82 23.18 3.10
CA SER A 207 -21.44 23.52 1.74
C SER A 207 -20.52 22.43 1.23
N CYS A 208 -19.57 22.05 2.06
CA CYS A 208 -18.61 21.01 1.71
C CYS A 208 -19.36 19.74 1.35
N THR A 209 -20.32 19.36 2.19
CA THR A 209 -21.09 18.14 1.94
C THR A 209 -21.89 18.23 0.63
N TYR A 210 -22.46 19.40 0.36
CA TYR A 210 -23.23 19.62 -0.85
C TYR A 210 -22.38 19.48 -2.11
N GLN A 211 -21.18 20.04 -2.10
CA GLN A 211 -20.29 19.97 -3.26
C GLN A 211 -19.97 18.54 -3.59
N LEU A 212 -19.77 17.72 -2.56
CA LEU A 212 -19.45 16.33 -2.75
C LEU A 212 -20.67 15.53 -3.20
N ALA A 213 -21.85 15.89 -2.71
CA ALA A 213 -23.06 15.18 -3.13
C ALA A 213 -23.22 15.38 -4.65
N ARG A 214 -22.97 16.62 -5.09
CA ARG A 214 -23.07 16.98 -6.51
C ARG A 214 -22.10 16.18 -7.37
N GLY A 215 -20.88 16.00 -6.87
CA GLY A 215 -19.88 15.24 -7.59
C GLY A 215 -20.32 13.80 -7.79
N MET A 216 -20.86 13.20 -6.73
CA MET A 216 -21.34 11.82 -6.79
C MET A 216 -22.60 11.69 -7.64
N GLU A 217 -23.41 12.74 -7.69
CA GLU A 217 -24.61 12.69 -8.50
C GLU A 217 -24.17 12.61 -9.96
N TYR A 218 -23.21 13.47 -10.32
CA TYR A 218 -22.70 13.47 -11.69
C TYR A 218 -22.03 12.14 -12.00
N LEU A 219 -21.19 11.68 -11.07
CA LEU A 219 -20.49 10.42 -11.23
C LEU A 219 -21.51 9.30 -11.51
N ALA A 220 -22.59 9.28 -10.74
CA ALA A 220 -23.61 8.25 -10.92
C ALA A 220 -24.29 8.39 -12.28
N SER A 221 -24.41 9.61 -12.77
CA SER A 221 -25.05 9.84 -14.06
C SER A 221 -24.12 9.38 -15.18
N GLN A 222 -22.84 9.18 -14.85
CA GLN A 222 -21.86 8.73 -15.81
C GLN A 222 -21.71 7.20 -15.73
N LYS A 223 -22.58 6.55 -14.98
CA LYS A 223 -22.57 5.10 -14.83
C LYS A 223 -21.35 4.61 -14.04
N CYS A 224 -20.73 5.50 -13.29
CA CYS A 224 -19.55 5.17 -12.51
C CYS A 224 -19.74 5.04 -11.00
N ILE A 225 -19.24 3.94 -10.43
CA ILE A 225 -19.28 3.72 -8.98
C ILE A 225 -17.84 3.94 -8.51
N HIS A 226 -17.68 4.81 -7.51
CA HIS A 226 -16.36 5.14 -6.98
C HIS A 226 -15.77 4.01 -6.12
N ARG A 227 -16.58 3.51 -5.18
CA ARG A 227 -16.21 2.40 -4.30
C ARG A 227 -15.23 2.70 -3.18
N ASP A 228 -14.57 3.85 -3.23
CA ASP A 228 -13.59 4.20 -2.21
C ASP A 228 -13.82 5.59 -1.68
N LEU A 229 -15.09 5.93 -1.49
CA LEU A 229 -15.45 7.25 -0.99
C LEU A 229 -15.01 7.43 0.46
N ALA A 230 -14.22 8.48 0.72
CA ALA A 230 -13.70 8.76 2.05
C ALA A 230 -13.05 10.15 2.05
N ALA A 231 -12.95 10.77 3.22
CA ALA A 231 -12.37 12.10 3.33
C ALA A 231 -10.94 12.14 2.78
N ARG A 232 -10.17 11.09 3.02
CA ARG A 232 -8.79 11.01 2.54
C ARG A 232 -8.76 11.02 1.01
N ASN A 233 -9.89 10.70 0.38
CA ASN A 233 -9.96 10.66 -1.07
C ASN A 233 -10.64 11.89 -1.69
N VAL A 234 -10.78 12.94 -0.88
CA VAL A 234 -11.34 14.21 -1.36
C VAL A 234 -10.22 15.24 -1.24
N LEU A 235 -10.05 16.06 -2.27
CA LEU A 235 -9.02 17.09 -2.22
C LEU A 235 -9.70 18.45 -2.30
N VAL A 236 -9.09 19.47 -1.72
CA VAL A 236 -9.68 20.79 -1.76
C VAL A 236 -8.74 21.80 -2.43
N THR A 237 -9.26 22.55 -3.40
CA THR A 237 -8.46 23.52 -4.14
C THR A 237 -8.08 24.73 -3.29
N GLU A 238 -7.35 25.65 -3.91
CA GLU A 238 -6.90 26.86 -3.25
C GLU A 238 -8.09 27.72 -2.81
N ASN A 239 -9.20 27.57 -3.52
CA ASN A 239 -10.43 28.32 -3.22
C ASN A 239 -11.43 27.45 -2.47
N ASN A 240 -10.91 26.48 -1.71
CA ASN A 240 -11.74 25.59 -0.92
C ASN A 240 -12.84 24.87 -1.69
N VAL A 241 -12.55 24.45 -2.91
CA VAL A 241 -13.51 23.71 -3.71
C VAL A 241 -13.25 22.24 -3.40
N MET A 242 -14.32 21.51 -3.10
CA MET A 242 -14.20 20.08 -2.78
C MET A 242 -14.25 19.22 -4.04
N LYS A 243 -13.23 18.38 -4.21
CA LYS A 243 -13.13 17.51 -5.38
C LYS A 243 -12.87 16.03 -5.06
N ILE A 244 -13.74 15.17 -5.58
CA ILE A 244 -13.63 13.73 -5.39
C ILE A 244 -12.42 13.24 -6.17
N ALA A 245 -11.53 12.50 -5.51
CA ALA A 245 -10.32 12.01 -6.16
C ALA A 245 -10.08 10.50 -6.00
N ASP A 246 -8.90 10.06 -6.46
CA ASP A 246 -8.47 8.67 -6.39
C ASP A 246 -9.46 7.66 -6.96
N PHE A 247 -9.48 7.55 -8.29
CA PHE A 247 -10.38 6.63 -8.97
C PHE A 247 -9.77 5.25 -9.22
N GLY A 248 -8.76 4.90 -8.41
CA GLY A 248 -8.08 3.62 -8.52
C GLY A 248 -8.96 2.39 -8.37
N LEU A 249 -10.08 2.51 -7.66
CA LEU A 249 -10.96 1.36 -7.50
C LEU A 249 -12.28 1.56 -8.23
N ALA A 250 -12.47 2.74 -8.81
CA ALA A 250 -13.72 3.04 -9.53
C ALA A 250 -13.97 2.10 -10.72
N ARG A 251 -15.23 1.82 -10.97
CA ARG A 251 -15.61 0.93 -12.06
C ARG A 251 -16.85 1.46 -12.77
N ASP A 252 -17.07 0.99 -13.99
CA ASP A 252 -18.27 1.37 -14.71
C ASP A 252 -19.25 0.38 -14.08
N ILE A 253 -20.49 0.80 -13.86
CA ILE A 253 -21.48 -0.07 -13.22
C ILE A 253 -21.56 -1.48 -13.80
N ASN A 254 -21.42 -1.61 -15.12
CA ASN A 254 -21.49 -2.90 -15.78
C ASN A 254 -20.17 -3.67 -15.79
N ASN A 255 -19.15 -3.16 -15.09
CA ASN A 255 -17.85 -3.82 -15.05
C ASN A 255 -17.47 -4.34 -13.66
N ILE A 256 -18.41 -5.02 -13.02
CA ILE A 256 -18.21 -5.59 -11.69
C ILE A 256 -18.51 -7.09 -11.74
N ASP A 257 -17.62 -7.91 -11.19
CA ASP A 257 -17.84 -9.35 -11.16
C ASP A 257 -18.75 -9.72 -10.01
N TYR A 258 -20.06 -9.62 -10.23
CA TYR A 258 -21.04 -9.92 -9.20
C TYR A 258 -20.90 -11.33 -8.61
N TYR A 259 -21.09 -11.44 -7.31
CA TYR A 259 -21.07 -12.73 -6.63
C TYR A 259 -19.75 -13.50 -6.61
N LYS A 260 -18.68 -12.90 -7.11
CA LYS A 260 -17.39 -13.59 -7.10
C LYS A 260 -16.79 -13.36 -5.71
N LYS A 261 -16.24 -14.42 -5.13
CA LYS A 261 -15.65 -14.33 -3.79
C LYS A 261 -14.59 -13.24 -3.63
N THR A 262 -13.98 -12.83 -4.73
CA THR A 262 -12.94 -11.81 -4.68
C THR A 262 -13.43 -10.37 -4.89
N THR A 263 -14.70 -10.21 -5.23
CA THR A 263 -15.24 -8.86 -5.46
C THR A 263 -15.33 -7.99 -4.20
N ASN A 264 -14.90 -6.74 -4.34
CA ASN A 264 -14.91 -5.78 -3.23
C ASN A 264 -13.89 -6.11 -2.14
N GLY A 265 -12.97 -7.02 -2.43
CA GLY A 265 -11.97 -7.39 -1.44
C GLY A 265 -10.89 -6.36 -1.13
N ARG A 266 -10.79 -5.31 -1.94
CA ARG A 266 -9.77 -4.26 -1.72
C ARG A 266 -10.36 -2.95 -1.21
N LEU A 267 -11.59 -2.99 -0.71
CA LEU A 267 -12.24 -1.77 -0.22
C LEU A 267 -12.15 -1.61 1.29
N PRO A 268 -11.73 -0.42 1.75
CA PRO A 268 -11.63 -0.16 3.20
C PRO A 268 -12.97 -0.47 3.84
N VAL A 269 -12.99 -1.48 4.70
CA VAL A 269 -14.21 -1.94 5.34
C VAL A 269 -15.05 -0.93 6.10
N LYS A 270 -14.41 0.00 6.81
CA LYS A 270 -15.17 0.98 7.58
C LYS A 270 -15.97 1.96 6.73
N TRP A 271 -15.78 1.91 5.42
CA TRP A 271 -16.50 2.78 4.49
C TRP A 271 -17.37 1.93 3.56
N MET A 272 -17.29 0.63 3.71
CA MET A 272 -18.02 -0.33 2.87
C MET A 272 -19.48 -0.59 3.23
N ALA A 273 -20.32 -0.64 2.20
CA ALA A 273 -21.72 -0.97 2.41
C ALA A 273 -21.72 -2.47 2.74
N PRO A 274 -22.62 -2.91 3.64
CA PRO A 274 -22.70 -4.33 4.03
C PRO A 274 -22.89 -5.32 2.86
N GLU A 275 -23.73 -4.96 1.89
CA GLU A 275 -23.99 -5.84 0.75
C GLU A 275 -22.75 -6.08 -0.10
N ALA A 276 -21.84 -5.12 -0.15
CA ALA A 276 -20.63 -5.28 -0.95
C ALA A 276 -19.85 -6.51 -0.49
N LEU A 277 -19.92 -6.79 0.80
CA LEU A 277 -19.21 -7.93 1.35
C LEU A 277 -20.08 -9.18 1.37
N PHE A 278 -21.28 -9.03 1.92
CA PHE A 278 -22.22 -10.14 2.05
C PHE A 278 -22.79 -10.68 0.75
N ASP A 279 -22.92 -9.83 -0.27
CA ASP A 279 -23.49 -10.29 -1.53
C ASP A 279 -22.51 -10.18 -2.68
N ARG A 280 -21.44 -9.43 -2.46
CA ARG A 280 -20.42 -9.24 -3.49
C ARG A 280 -20.93 -8.44 -4.68
N VAL A 281 -21.85 -7.51 -4.42
CA VAL A 281 -22.39 -6.66 -5.47
C VAL A 281 -21.96 -5.23 -5.14
N TYR A 282 -22.18 -4.31 -6.07
CA TYR A 282 -21.85 -2.92 -5.81
C TYR A 282 -22.64 -2.03 -6.74
N THR A 283 -23.55 -1.25 -6.17
CA THR A 283 -24.38 -0.35 -6.94
C THR A 283 -24.13 1.08 -6.48
N HIS A 284 -24.88 2.02 -7.03
CA HIS A 284 -24.72 3.41 -6.64
C HIS A 284 -25.15 3.58 -5.19
N GLN A 285 -26.11 2.77 -4.76
CA GLN A 285 -26.59 2.84 -3.40
C GLN A 285 -25.50 2.43 -2.43
N SER A 286 -24.49 1.70 -2.92
CA SER A 286 -23.38 1.28 -2.08
C SER A 286 -22.54 2.51 -1.81
N ASP A 287 -22.41 3.35 -2.83
CA ASP A 287 -21.66 4.59 -2.73
C ASP A 287 -22.36 5.57 -1.77
N VAL A 288 -23.69 5.57 -1.69
CA VAL A 288 -24.34 6.51 -0.79
C VAL A 288 -24.10 6.06 0.65
N TRP A 289 -23.88 4.77 0.85
CA TRP A 289 -23.57 4.29 2.19
C TRP A 289 -22.26 4.97 2.56
N SER A 290 -21.27 4.82 1.69
CA SER A 290 -19.96 5.42 1.91
C SER A 290 -20.07 6.93 2.07
N PHE A 291 -20.94 7.56 1.28
CA PHE A 291 -21.12 9.01 1.37
C PHE A 291 -21.59 9.35 2.79
N GLY A 292 -22.38 8.46 3.38
CA GLY A 292 -22.84 8.66 4.73
C GLY A 292 -21.67 8.69 5.69
N VAL A 293 -20.71 7.77 5.52
CA VAL A 293 -19.56 7.74 6.39
C VAL A 293 -18.76 9.02 6.14
N LEU A 294 -18.62 9.38 4.87
CA LEU A 294 -17.91 10.60 4.50
C LEU A 294 -18.55 11.77 5.23
N MET A 295 -19.88 11.77 5.32
CA MET A 295 -20.60 12.82 6.01
C MET A 295 -20.24 12.86 7.48
N TRP A 296 -20.14 11.68 8.08
CA TRP A 296 -19.82 11.61 9.50
C TRP A 296 -18.41 12.18 9.70
N GLU A 297 -17.50 11.83 8.79
CA GLU A 297 -16.12 12.32 8.84
C GLU A 297 -16.09 13.83 8.81
N ILE A 298 -16.88 14.41 7.90
CA ILE A 298 -16.93 15.85 7.75
C ILE A 298 -17.39 16.56 9.01
N PHE A 299 -18.53 16.12 9.54
CA PHE A 299 -19.08 16.76 10.73
C PHE A 299 -18.34 16.47 12.02
N THR A 300 -17.40 15.54 11.99
CA THR A 300 -16.60 15.27 13.18
C THR A 300 -15.25 15.94 12.96
N LEU A 301 -15.14 16.71 11.87
CA LEU A 301 -13.92 17.43 11.52
C LEU A 301 -12.71 16.52 11.35
N GLY A 302 -12.90 15.41 10.64
CA GLY A 302 -11.81 14.48 10.41
C GLY A 302 -11.76 13.33 11.39
N GLY A 303 -12.89 13.04 12.03
CA GLY A 303 -12.91 11.96 12.99
C GLY A 303 -12.73 10.60 12.36
N SER A 304 -12.25 9.64 13.15
CA SER A 304 -12.04 8.28 12.67
C SER A 304 -13.32 7.48 12.87
N PRO A 305 -13.90 6.98 11.76
CA PRO A 305 -15.13 6.19 11.82
C PRO A 305 -15.08 4.97 12.73
N TYR A 306 -16.20 4.70 13.40
CA TYR A 306 -16.29 3.57 14.32
C TYR A 306 -15.11 3.52 15.28
N PRO A 307 -14.85 4.62 15.99
CA PRO A 307 -13.73 4.68 16.94
C PRO A 307 -13.72 3.50 17.93
N GLY A 308 -12.56 2.87 18.07
CA GLY A 308 -12.43 1.75 18.99
C GLY A 308 -12.94 0.40 18.49
N ILE A 309 -13.56 0.38 17.32
CA ILE A 309 -14.09 -0.88 16.77
C ILE A 309 -13.21 -1.43 15.66
N PRO A 310 -12.46 -2.50 15.95
CA PRO A 310 -11.59 -3.09 14.92
C PRO A 310 -12.39 -3.59 13.72
N VAL A 311 -11.81 -3.50 12.54
CA VAL A 311 -12.50 -3.93 11.34
C VAL A 311 -12.95 -5.38 11.46
N GLU A 312 -12.16 -6.19 12.16
CA GLU A 312 -12.49 -7.61 12.31
C GLU A 312 -13.87 -7.88 12.91
N GLU A 313 -14.35 -6.98 13.76
CA GLU A 313 -15.65 -7.20 14.36
C GLU A 313 -16.68 -6.13 14.02
N LEU A 314 -16.44 -5.39 12.94
CA LEU A 314 -17.36 -4.33 12.52
C LEU A 314 -18.63 -4.86 11.86
N PHE A 315 -18.49 -5.69 10.84
CA PHE A 315 -19.66 -6.19 10.13
C PHE A 315 -20.67 -6.93 10.98
N LYS A 316 -20.22 -7.59 12.05
CA LYS A 316 -21.14 -8.29 12.93
C LYS A 316 -22.04 -7.23 13.59
N LEU A 317 -21.41 -6.15 14.05
CA LEU A 317 -22.15 -5.07 14.69
C LEU A 317 -23.12 -4.41 13.71
N LEU A 318 -22.70 -4.24 12.47
CA LEU A 318 -23.55 -3.63 11.46
C LEU A 318 -24.79 -4.47 11.24
N LYS A 319 -24.63 -5.78 11.13
CA LYS A 319 -25.79 -6.65 10.94
C LYS A 319 -26.80 -6.42 12.05
N GLU A 320 -26.29 -6.28 13.28
CA GLU A 320 -27.14 -6.04 14.44
C GLU A 320 -27.80 -4.67 14.42
N GLY A 321 -27.52 -3.88 13.41
CA GLY A 321 -28.13 -2.56 13.33
C GLY A 321 -27.34 -1.46 14.01
N HIS A 322 -26.11 -1.77 14.41
CA HIS A 322 -25.28 -0.75 15.04
C HIS A 322 -24.92 0.31 14.00
N ARG A 323 -24.92 1.57 14.42
CA ARG A 323 -24.58 2.69 13.55
C ARG A 323 -23.88 3.75 14.42
N MET A 324 -23.06 4.59 13.81
CA MET A 324 -22.34 5.61 14.57
C MET A 324 -23.28 6.66 15.16
N ASP A 325 -22.91 7.24 16.31
CA ASP A 325 -23.71 8.26 16.98
C ASP A 325 -23.61 9.61 16.27
N LYS A 326 -24.49 10.54 16.63
CA LYS A 326 -24.49 11.86 16.03
C LYS A 326 -23.32 12.71 16.46
N PRO A 327 -22.60 13.31 15.50
CA PRO A 327 -21.44 14.16 15.83
C PRO A 327 -21.95 15.40 16.59
N ALA A 328 -21.27 15.74 17.67
CA ALA A 328 -21.64 16.89 18.51
C ALA A 328 -22.12 18.14 17.78
N ASN A 329 -21.42 18.53 16.72
CA ASN A 329 -21.78 19.74 16.00
C ASN A 329 -22.57 19.51 14.71
N CYS A 330 -23.42 18.51 14.74
CA CYS A 330 -24.23 18.19 13.58
C CYS A 330 -25.71 18.29 13.97
N THR A 331 -26.52 18.84 13.08
CA THR A 331 -27.96 18.97 13.39
C THR A 331 -28.65 17.61 13.28
N ASN A 332 -29.79 17.48 13.95
CA ASN A 332 -30.56 16.25 13.93
C ASN A 332 -30.89 15.88 12.48
N GLU A 333 -31.32 16.87 11.71
CA GLU A 333 -31.68 16.70 10.31
C GLU A 333 -30.56 16.14 9.45
N LEU A 334 -29.34 16.59 9.67
CA LEU A 334 -28.22 16.09 8.90
C LEU A 334 -27.84 14.69 9.35
N TYR A 335 -28.11 14.38 10.61
CA TYR A 335 -27.80 13.06 11.14
C TYR A 335 -28.80 12.06 10.59
N MET A 336 -30.04 12.47 10.46
CA MET A 336 -31.05 11.60 9.91
C MET A 336 -30.67 11.28 8.47
N MET A 337 -30.03 12.23 7.81
CA MET A 337 -29.60 12.02 6.44
C MET A 337 -28.48 10.97 6.43
N MET A 338 -27.56 11.06 7.39
CA MET A 338 -26.48 10.08 7.49
C MET A 338 -27.10 8.69 7.70
N ARG A 339 -28.05 8.62 8.62
CA ARG A 339 -28.72 7.35 8.94
C ARG A 339 -29.44 6.76 7.74
N ASP A 340 -30.04 7.60 6.91
CA ASP A 340 -30.72 7.11 5.73
C ASP A 340 -29.68 6.47 4.85
N CYS A 341 -28.56 7.16 4.67
CA CYS A 341 -27.46 6.66 3.86
C CYS A 341 -27.04 5.27 4.36
N TRP A 342 -27.16 5.02 5.66
CA TRP A 342 -26.79 3.72 6.23
C TRP A 342 -28.00 2.80 6.43
N HIS A 343 -29.01 2.96 5.60
CA HIS A 343 -30.17 2.08 5.71
C HIS A 343 -29.69 0.68 5.33
N ALA A 344 -30.20 -0.34 6.02
CA ALA A 344 -29.80 -1.71 5.74
C ALA A 344 -30.15 -2.07 4.30
N VAL A 345 -31.34 -1.67 3.85
CA VAL A 345 -31.77 -1.98 2.49
C VAL A 345 -31.22 -0.93 1.53
N PRO A 346 -30.41 -1.37 0.55
CA PRO A 346 -29.81 -0.48 -0.44
C PRO A 346 -30.83 0.42 -1.14
N SER A 347 -31.90 -0.19 -1.64
CA SER A 347 -32.93 0.59 -2.34
C SER A 347 -33.69 1.54 -1.43
N GLN A 348 -33.58 1.37 -0.12
CA GLN A 348 -34.26 2.28 0.82
C GLN A 348 -33.38 3.48 1.22
N ARG A 349 -32.14 3.47 0.77
CA ARG A 349 -31.25 4.59 1.03
C ARG A 349 -31.57 5.59 -0.07
N PRO A 350 -31.31 6.88 0.19
CA PRO A 350 -31.61 7.89 -0.84
C PRO A 350 -30.62 7.82 -2.01
N THR A 351 -30.92 8.52 -3.09
CA THR A 351 -30.05 8.56 -4.26
C THR A 351 -29.26 9.87 -4.17
N PHE A 352 -28.17 9.98 -4.90
CA PHE A 352 -27.39 11.21 -4.83
C PHE A 352 -28.22 12.39 -5.34
N LYS A 353 -29.15 12.11 -6.25
CA LYS A 353 -30.01 13.15 -6.79
C LYS A 353 -30.80 13.78 -5.66
N GLN A 354 -31.36 12.94 -4.78
CA GLN A 354 -32.15 13.41 -3.66
C GLN A 354 -31.29 14.07 -2.61
N LEU A 355 -30.11 13.52 -2.34
CA LEU A 355 -29.21 14.12 -1.35
C LEU A 355 -28.90 15.53 -1.77
N VAL A 356 -28.62 15.73 -3.06
CA VAL A 356 -28.32 17.05 -3.57
C VAL A 356 -29.47 18.01 -3.30
N GLU A 357 -30.69 17.56 -3.56
CA GLU A 357 -31.88 18.37 -3.34
C GLU A 357 -32.08 18.77 -1.88
N ASP A 358 -32.00 17.82 -0.97
CA ASP A 358 -32.18 18.14 0.45
C ASP A 358 -31.03 18.97 0.98
N LEU A 359 -29.80 18.66 0.56
CA LEU A 359 -28.65 19.42 1.01
C LEU A 359 -28.76 20.84 0.46
N ASP A 360 -29.25 20.97 -0.77
CA ASP A 360 -29.42 22.28 -1.39
C ASP A 360 -30.45 23.07 -0.58
N ARG A 361 -31.50 22.38 -0.16
CA ARG A 361 -32.55 23.01 0.63
C ARG A 361 -32.00 23.49 1.96
N ILE A 362 -31.25 22.62 2.62
CA ILE A 362 -30.67 22.93 3.92
C ILE A 362 -29.61 24.02 3.85
N LEU A 363 -28.80 24.00 2.79
CA LEU A 363 -27.76 24.99 2.65
C LEU A 363 -28.33 26.39 2.40
N THR A 364 -29.44 26.44 1.68
CA THR A 364 -30.07 27.72 1.37
C THR A 364 -30.62 28.40 2.62
N LEU A 365 -31.39 27.68 3.43
CA LEU A 365 -31.93 28.26 4.65
C LEU A 365 -30.82 28.81 5.54
N THR A 366 -29.75 28.03 5.66
CA THR A 366 -28.59 28.41 6.48
C THR A 366 -27.84 29.61 5.91
N THR A 367 -27.80 29.70 4.57
CA THR A 367 -27.09 30.79 3.92
C THR A 367 -28.02 31.59 3.02
N GLU B 69 -14.85 -16.08 13.66
CA GLU B 69 -14.36 -16.05 12.28
C GLU B 69 -13.03 -16.80 12.15
N LEU B 70 -12.23 -16.78 13.22
CA LEU B 70 -10.94 -17.45 13.21
C LEU B 70 -10.85 -18.62 14.18
N PRO B 71 -10.31 -19.76 13.72
CA PRO B 71 -10.17 -20.95 14.56
C PRO B 71 -9.06 -20.70 15.56
N GLU B 72 -9.12 -21.35 16.73
CA GLU B 72 -8.05 -21.14 17.70
C GLU B 72 -6.99 -22.21 17.54
N ASP B 73 -5.73 -21.83 17.71
CA ASP B 73 -4.63 -22.77 17.58
C ASP B 73 -3.85 -22.73 18.90
N PRO B 74 -4.25 -23.58 19.84
CA PRO B 74 -3.69 -23.75 21.18
C PRO B 74 -2.18 -23.62 21.30
N LYS B 75 -1.45 -24.19 20.34
CA LYS B 75 0.01 -24.12 20.39
C LYS B 75 0.61 -22.78 19.95
N TRP B 76 -0.25 -21.79 19.71
CA TRP B 76 0.23 -20.46 19.29
C TRP B 76 -0.53 -19.32 19.97
N GLU B 77 -1.75 -19.61 20.39
CA GLU B 77 -2.58 -18.59 21.03
C GLU B 77 -1.91 -17.96 22.24
N PHE B 78 -2.03 -16.65 22.36
CA PHE B 78 -1.43 -15.93 23.48
C PHE B 78 -2.45 -14.99 24.10
N PRO B 79 -2.58 -15.05 25.44
CA PRO B 79 -3.52 -14.20 26.19
C PRO B 79 -3.31 -12.72 25.96
N ARG B 80 -4.37 -12.02 25.60
CA ARG B 80 -4.30 -10.59 25.36
C ARG B 80 -3.96 -9.83 26.65
N ASP B 81 -4.50 -10.29 27.76
CA ASP B 81 -4.24 -9.63 29.05
C ASP B 81 -2.76 -9.75 29.41
N LYS B 82 -2.08 -10.70 28.78
CA LYS B 82 -0.65 -10.92 29.00
C LYS B 82 0.19 -10.12 28.01
N LEU B 83 -0.43 -9.21 27.27
CA LEU B 83 0.27 -8.41 26.26
C LEU B 83 0.05 -6.88 26.42
N THR B 84 1.15 -6.14 26.51
CA THR B 84 1.06 -4.67 26.66
C THR B 84 1.61 -3.96 25.42
N LEU B 85 0.71 -3.33 24.66
CA LEU B 85 1.08 -2.64 23.42
C LEU B 85 1.86 -1.35 23.65
N GLY B 86 2.98 -1.21 22.93
CA GLY B 86 3.82 -0.04 23.06
C GLY B 86 3.73 0.90 21.86
N LYS B 87 4.83 1.60 21.60
CA LYS B 87 4.87 2.55 20.50
C LYS B 87 5.00 1.88 19.13
N PRO B 88 4.47 2.51 18.09
CA PRO B 88 4.53 1.97 16.73
C PRO B 88 5.93 1.75 16.17
N LEU B 89 6.02 0.82 15.21
CA LEU B 89 7.27 0.48 14.57
C LEU B 89 7.10 0.59 13.05
N GLY B 90 7.95 1.38 12.40
CA GLY B 90 7.86 1.52 10.95
C GLY B 90 6.99 2.66 10.48
N GLU B 91 6.91 2.81 9.15
CA GLU B 91 6.12 3.88 8.54
C GLU B 91 4.62 3.61 8.61
N GLY B 92 4.25 2.33 8.69
CA GLY B 92 2.85 1.95 8.79
C GLY B 92 1.97 2.20 7.57
N CYS B 93 2.49 1.91 6.38
CA CYS B 93 1.73 2.10 5.15
C CYS B 93 0.82 0.92 4.85
N PHE B 94 1.37 -0.28 5.02
CA PHE B 94 0.64 -1.50 4.70
C PHE B 94 0.16 -2.34 5.89
N GLY B 95 0.19 -1.73 7.07
CA GLY B 95 -0.24 -2.44 8.26
C GLY B 95 0.15 -1.66 9.50
N GLN B 96 -0.21 -2.17 10.66
CA GLN B 96 0.10 -1.51 11.91
C GLN B 96 0.95 -2.45 12.78
N VAL B 97 2.19 -2.06 13.02
CA VAL B 97 3.09 -2.85 13.83
C VAL B 97 3.52 -2.02 15.04
N VAL B 98 3.43 -2.60 16.22
CA VAL B 98 3.84 -1.89 17.41
C VAL B 98 4.72 -2.77 18.29
N MET B 99 5.55 -2.10 19.07
CA MET B 99 6.43 -2.76 20.01
C MET B 99 5.49 -3.17 21.12
N ALA B 100 5.86 -4.19 21.89
CA ALA B 100 5.02 -4.63 22.99
C ALA B 100 5.76 -5.52 23.99
N GLU B 101 5.16 -5.68 25.16
CA GLU B 101 5.74 -6.53 26.20
C GLU B 101 4.83 -7.73 26.38
N ALA B 102 5.39 -8.92 26.15
CA ALA B 102 4.66 -10.17 26.28
C ALA B 102 5.12 -10.93 27.52
N VAL B 103 4.24 -11.06 28.50
CA VAL B 103 4.56 -11.74 29.73
C VAL B 103 4.33 -13.25 29.65
N GLY B 104 5.42 -14.00 29.81
CA GLY B 104 5.33 -15.45 29.76
C GLY B 104 5.25 -16.07 28.37
N ILE B 105 5.54 -15.28 27.34
CA ILE B 105 5.48 -15.82 25.99
C ILE B 105 6.70 -16.75 25.80
N ASP B 106 7.73 -16.52 26.62
CA ASP B 106 8.94 -17.32 26.57
C ASP B 106 8.81 -18.58 27.43
N PRO B 110 8.94 -17.84 31.58
CA PRO B 110 7.62 -18.39 31.94
C PRO B 110 6.73 -17.41 32.68
N LYS B 111 7.35 -16.38 33.26
CA LYS B 111 6.64 -15.35 34.00
C LYS B 111 7.36 -14.03 33.74
N GLU B 112 8.32 -14.09 32.82
CA GLU B 112 9.11 -12.91 32.46
C GLU B 112 8.56 -12.23 31.19
N ALA B 113 8.70 -10.91 31.15
CA ALA B 113 8.25 -10.12 30.01
C ALA B 113 9.29 -10.13 28.91
N VAL B 114 8.83 -10.24 27.67
CA VAL B 114 9.70 -10.24 26.51
C VAL B 114 9.26 -9.16 25.54
N THR B 115 10.20 -8.35 25.05
CA THR B 115 9.88 -7.30 24.11
C THR B 115 9.67 -7.96 22.74
N VAL B 116 8.47 -7.78 22.19
CA VAL B 116 8.12 -8.37 20.91
C VAL B 116 7.57 -7.31 19.95
N ALA B 117 7.17 -7.76 18.77
CA ALA B 117 6.58 -6.88 17.77
C ALA B 117 5.22 -7.49 17.45
N VAL B 118 4.20 -6.65 17.31
CA VAL B 118 2.87 -7.15 17.00
C VAL B 118 2.34 -6.56 15.70
N LYS B 119 1.92 -7.45 14.79
CA LYS B 119 1.37 -7.03 13.52
C LYS B 119 -0.14 -7.10 13.62
N MET B 120 -0.81 -6.00 13.27
CA MET B 120 -2.27 -5.94 13.32
C MET B 120 -2.78 -5.05 12.18
N LEU B 121 -4.09 -5.05 11.97
CA LEU B 121 -4.67 -4.26 10.89
C LEU B 121 -4.71 -2.76 11.17
N LYS B 122 -4.69 -1.98 10.10
CA LYS B 122 -4.78 -0.53 10.21
C LYS B 122 -6.26 -0.21 10.31
N ASP B 123 -6.58 1.04 10.62
CA ASP B 123 -7.98 1.42 10.75
C ASP B 123 -8.74 1.34 9.42
N ASP B 124 -8.06 1.61 8.30
CA ASP B 124 -8.72 1.56 7.01
C ASP B 124 -8.34 0.34 6.18
N ALA B 125 -8.14 -0.77 6.88
CA ALA B 125 -7.77 -2.02 6.26
C ALA B 125 -8.93 -2.60 5.44
N THR B 126 -8.59 -3.40 4.44
CA THR B 126 -9.58 -4.05 3.58
C THR B 126 -9.76 -5.49 4.03
N GLU B 127 -10.66 -6.21 3.36
CA GLU B 127 -10.90 -7.62 3.68
C GLU B 127 -9.66 -8.42 3.30
N LYS B 128 -9.05 -8.04 2.18
CA LYS B 128 -7.86 -8.68 1.66
C LYS B 128 -6.69 -8.50 2.65
N ASP B 129 -6.61 -7.33 3.27
CA ASP B 129 -5.55 -7.06 4.24
C ASP B 129 -5.67 -8.07 5.37
N LEU B 130 -6.90 -8.43 5.71
CA LEU B 130 -7.12 -9.38 6.78
C LEU B 130 -6.66 -10.78 6.37
N SER B 131 -7.22 -11.32 5.28
CA SER B 131 -6.84 -12.65 4.86
C SER B 131 -5.34 -12.73 4.58
N ASP B 132 -4.76 -11.60 4.14
CA ASP B 132 -3.32 -11.54 3.88
C ASP B 132 -2.57 -11.76 5.20
N LEU B 133 -2.92 -10.98 6.22
CA LEU B 133 -2.28 -11.10 7.53
C LEU B 133 -2.44 -12.52 8.09
N VAL B 134 -3.62 -13.09 7.94
CA VAL B 134 -3.88 -14.45 8.42
C VAL B 134 -2.96 -15.43 7.70
N SER B 135 -2.79 -15.23 6.39
CA SER B 135 -1.92 -16.09 5.60
C SER B 135 -0.47 -15.96 6.06
N GLU B 136 -0.04 -14.72 6.29
CA GLU B 136 1.33 -14.50 6.73
C GLU B 136 1.58 -15.26 8.03
N MET B 137 0.61 -15.21 8.94
CA MET B 137 0.72 -15.92 10.21
C MET B 137 0.82 -17.42 9.99
N GLU B 138 -0.03 -17.97 9.13
CA GLU B 138 -0.03 -19.41 8.84
C GLU B 138 1.26 -19.85 8.17
N MET B 139 1.82 -19.00 7.32
CA MET B 139 3.07 -19.35 6.67
C MET B 139 4.17 -19.42 7.72
N MET B 140 4.23 -18.38 8.56
CA MET B 140 5.25 -18.34 9.60
C MET B 140 5.19 -19.53 10.55
N LYS B 141 3.99 -20.07 10.76
CA LYS B 141 3.84 -21.23 11.64
C LYS B 141 4.60 -22.41 11.05
N MET B 142 4.67 -22.47 9.73
CA MET B 142 5.36 -23.55 9.04
C MET B 142 6.88 -23.33 8.92
N ILE B 143 7.40 -22.28 9.53
CA ILE B 143 8.84 -22.03 9.44
C ILE B 143 9.51 -22.21 10.79
N GLY B 144 10.34 -23.25 10.90
CA GLY B 144 11.03 -23.52 12.13
C GLY B 144 11.87 -22.35 12.61
N LYS B 145 12.31 -22.41 13.87
CA LYS B 145 13.13 -21.34 14.40
C LYS B 145 14.48 -21.27 13.73
N HIS B 146 14.93 -20.05 13.45
CA HIS B 146 16.21 -19.85 12.83
C HIS B 146 16.74 -18.46 13.15
N LYS B 147 18.04 -18.43 13.43
CA LYS B 147 18.76 -17.22 13.78
C LYS B 147 18.58 -16.04 12.82
N ASN B 148 18.52 -16.29 11.52
CA ASN B 148 18.40 -15.18 10.59
C ASN B 148 17.03 -14.99 9.97
N ILE B 149 16.01 -15.30 10.77
CA ILE B 149 14.62 -15.19 10.35
C ILE B 149 13.73 -14.65 11.46
N ILE B 150 12.93 -13.63 11.15
CA ILE B 150 12.00 -13.09 12.13
C ILE B 150 10.97 -14.20 12.30
N ASN B 151 11.00 -14.84 13.51
CA ASN B 151 10.09 -15.95 13.77
C ASN B 151 8.83 -15.57 14.52
N LEU B 152 7.76 -16.41 14.38
CA LEU B 152 6.47 -16.26 15.04
C LEU B 152 6.56 -16.68 16.51
N LEU B 153 6.02 -15.87 17.40
CA LEU B 153 6.06 -16.17 18.82
C LEU B 153 4.69 -16.56 19.36
N GLY B 154 3.65 -16.07 18.68
CA GLY B 154 2.30 -16.38 19.10
C GLY B 154 1.29 -15.46 18.42
N ALA B 155 0.03 -15.54 18.84
CA ALA B 155 -1.01 -14.70 18.26
C ALA B 155 -2.29 -14.66 19.10
N CYS B 156 -2.97 -13.52 19.06
CA CYS B 156 -4.24 -13.34 19.75
C CYS B 156 -5.27 -13.33 18.63
N THR B 157 -6.00 -14.43 18.50
CA THR B 157 -6.99 -14.60 17.43
C THR B 157 -8.44 -14.61 17.83
N GLN B 158 -8.73 -14.72 19.13
CA GLN B 158 -10.12 -14.78 19.59
C GLN B 158 -10.64 -13.50 20.23
N ASP B 159 -11.92 -13.23 19.97
CA ASP B 159 -12.63 -12.07 20.52
C ASP B 159 -11.81 -10.78 20.57
N GLY B 160 -11.50 -10.23 19.40
CA GLY B 160 -10.73 -8.99 19.35
C GLY B 160 -9.94 -8.92 18.07
N PRO B 161 -9.24 -7.82 17.80
CA PRO B 161 -8.46 -7.75 16.56
C PRO B 161 -7.38 -8.83 16.51
N LEU B 162 -6.98 -9.21 15.31
CA LEU B 162 -5.95 -10.23 15.15
C LEU B 162 -4.58 -9.63 15.45
N TYR B 163 -3.89 -10.21 16.44
CA TYR B 163 -2.55 -9.76 16.80
C TYR B 163 -1.58 -10.89 16.43
N VAL B 164 -0.61 -10.60 15.57
CA VAL B 164 0.39 -11.58 15.17
C VAL B 164 1.70 -11.13 15.81
N ILE B 165 2.15 -11.91 16.78
CA ILE B 165 3.35 -11.62 17.55
C ILE B 165 4.61 -12.28 17.00
N VAL B 166 5.58 -11.46 16.63
CA VAL B 166 6.83 -11.97 16.08
C VAL B 166 8.03 -11.37 16.82
N GLU B 167 9.22 -11.90 16.56
CA GLU B 167 10.42 -11.41 17.21
C GLU B 167 10.69 -9.95 16.89
N TYR B 168 11.25 -9.25 17.86
CA TYR B 168 11.57 -7.84 17.75
C TYR B 168 13.04 -7.61 17.34
N ALA B 169 13.27 -6.59 16.52
CA ALA B 169 14.61 -6.24 16.04
C ALA B 169 14.74 -4.72 16.19
N SER B 170 15.41 -4.30 17.25
CA SER B 170 15.55 -2.88 17.57
C SER B 170 16.17 -1.92 16.55
N LYS B 171 17.03 -2.42 15.66
CA LYS B 171 17.68 -1.53 14.70
C LYS B 171 16.88 -1.17 13.44
N GLY B 172 15.73 -1.80 13.26
CA GLY B 172 14.92 -1.48 12.08
C GLY B 172 15.32 -2.22 10.82
N ASN B 173 14.73 -1.85 9.69
CA ASN B 173 15.01 -2.50 8.43
C ASN B 173 16.42 -2.18 7.92
N LEU B 174 17.02 -3.14 7.23
CA LEU B 174 18.37 -3.03 6.70
C LEU B 174 18.63 -1.85 5.76
N ARG B 175 17.64 -1.53 4.93
CA ARG B 175 17.79 -0.42 3.98
C ARG B 175 18.15 0.87 4.71
N GLU B 176 17.32 1.27 5.67
CA GLU B 176 17.58 2.49 6.41
C GLU B 176 18.82 2.34 7.29
N TYR B 177 19.04 1.13 7.77
CA TYR B 177 20.20 0.84 8.61
C TYR B 177 21.47 1.10 7.80
N LEU B 178 21.48 0.65 6.56
CA LEU B 178 22.64 0.83 5.68
C LEU B 178 22.83 2.28 5.28
N ARG B 179 21.73 2.98 5.02
CA ARG B 179 21.82 4.37 4.62
C ARG B 179 22.30 5.25 5.76
N ALA B 180 21.92 4.89 6.99
CA ALA B 180 22.30 5.65 8.18
C ALA B 180 23.80 5.69 8.49
N ARG B 181 24.55 4.67 8.07
CA ARG B 181 25.98 4.70 8.34
C ARG B 181 26.83 4.85 7.09
N ARG B 182 26.34 5.63 6.14
CA ARG B 182 27.08 5.90 4.92
C ARG B 182 28.19 6.87 5.31
N PRO B 183 29.27 6.94 4.50
CA PRO B 183 30.39 7.85 4.79
C PRO B 183 29.91 9.28 5.06
N PRO B 184 30.29 9.85 6.21
CA PRO B 184 29.93 11.22 6.61
C PRO B 184 30.42 12.29 5.63
N GLY B 185 30.41 11.96 4.35
CA GLY B 185 30.85 12.89 3.32
C GLY B 185 29.75 13.29 2.35
N GLU B 197 26.68 7.76 13.08
CA GLU B 197 26.86 6.34 13.34
C GLU B 197 28.20 5.83 12.83
N GLU B 198 28.60 4.65 13.30
CA GLU B 198 29.86 4.05 12.89
C GLU B 198 29.72 3.40 11.52
N GLN B 199 30.57 3.82 10.59
CA GLN B 199 30.56 3.28 9.23
C GLN B 199 30.60 1.76 9.19
N MET B 200 30.01 1.20 8.14
CA MET B 200 30.01 -0.24 7.93
C MET B 200 31.37 -0.62 7.37
N THR B 201 32.02 -1.62 7.95
CA THR B 201 33.31 -2.07 7.43
C THR B 201 33.00 -3.06 6.32
N PHE B 202 33.96 -3.27 5.42
CA PHE B 202 33.77 -4.21 4.34
C PHE B 202 33.35 -5.56 4.92
N LYS B 203 34.03 -5.97 5.98
CA LYS B 203 33.71 -7.24 6.63
C LYS B 203 32.24 -7.26 7.07
N ASP B 204 31.76 -6.15 7.62
CA ASP B 204 30.38 -6.09 8.08
C ASP B 204 29.43 -6.37 6.92
N LEU B 205 29.74 -5.82 5.75
CA LEU B 205 28.89 -6.00 4.59
C LEU B 205 28.89 -7.47 4.16
N VAL B 206 30.07 -8.10 4.18
CA VAL B 206 30.17 -9.50 3.83
C VAL B 206 29.36 -10.34 4.84
N SER B 207 29.57 -10.07 6.12
CA SER B 207 28.88 -10.80 7.18
C SER B 207 27.36 -10.67 7.03
N CYS B 208 26.92 -9.46 6.72
CA CYS B 208 25.51 -9.19 6.53
C CYS B 208 24.97 -10.12 5.46
N THR B 209 25.63 -10.10 4.30
CA THR B 209 25.25 -10.91 3.16
C THR B 209 25.28 -12.38 3.55
N TYR B 210 26.35 -12.78 4.22
CA TYR B 210 26.50 -14.16 4.66
C TYR B 210 25.34 -14.62 5.53
N GLN B 211 24.94 -13.77 6.47
CA GLN B 211 23.86 -14.11 7.40
C GLN B 211 22.53 -14.30 6.69
N LEU B 212 22.25 -13.44 5.72
CA LEU B 212 21.00 -13.51 4.97
C LEU B 212 20.99 -14.70 4.01
N ALA B 213 22.18 -15.09 3.57
CA ALA B 213 22.30 -16.23 2.68
C ALA B 213 21.96 -17.48 3.49
N ARG B 214 22.45 -17.53 4.72
CA ARG B 214 22.16 -18.65 5.61
C ARG B 214 20.65 -18.70 5.89
N GLY B 215 20.07 -17.53 6.14
CA GLY B 215 18.65 -17.47 6.40
C GLY B 215 17.85 -18.03 5.24
N MET B 216 18.27 -17.70 4.02
CA MET B 216 17.58 -18.17 2.81
C MET B 216 17.82 -19.66 2.55
N GLU B 217 19.03 -20.14 2.83
CA GLU B 217 19.35 -21.54 2.63
C GLU B 217 18.42 -22.39 3.49
N TYR B 218 18.14 -21.90 4.69
CA TYR B 218 17.26 -22.60 5.60
C TYR B 218 15.81 -22.52 5.11
N LEU B 219 15.45 -21.35 4.60
CA LEU B 219 14.10 -21.13 4.10
C LEU B 219 13.86 -22.06 2.90
N ALA B 220 14.82 -22.15 2.01
CA ALA B 220 14.69 -23.02 0.85
C ALA B 220 14.57 -24.48 1.31
N SER B 221 15.33 -24.83 2.35
CA SER B 221 15.29 -26.19 2.86
C SER B 221 13.91 -26.48 3.46
N GLN B 222 13.17 -25.42 3.76
CA GLN B 222 11.83 -25.57 4.34
C GLN B 222 10.72 -25.50 3.29
N LYS B 223 11.07 -25.66 2.02
CA LYS B 223 10.08 -25.61 0.94
C LYS B 223 9.37 -24.26 0.92
N CYS B 224 10.07 -23.22 1.33
CA CYS B 224 9.45 -21.90 1.34
C CYS B 224 10.13 -20.93 0.38
N ILE B 225 9.33 -20.28 -0.46
CA ILE B 225 9.87 -19.26 -1.35
C ILE B 225 9.38 -17.95 -0.78
N HIS B 226 10.33 -17.04 -0.51
CA HIS B 226 10.00 -15.75 0.07
C HIS B 226 9.34 -14.80 -0.93
N ARG B 227 9.92 -14.71 -2.12
CA ARG B 227 9.37 -13.89 -3.20
C ARG B 227 9.46 -12.38 -3.06
N ASP B 228 9.77 -11.87 -1.86
CA ASP B 228 9.85 -10.43 -1.68
C ASP B 228 11.14 -10.01 -0.99
N LEU B 229 12.23 -10.66 -1.40
CA LEU B 229 13.55 -10.38 -0.83
C LEU B 229 13.97 -8.96 -1.21
N ALA B 230 14.41 -8.20 -0.21
CA ALA B 230 14.84 -6.82 -0.42
C ALA B 230 15.32 -6.25 0.91
N ALA B 231 16.20 -5.26 0.85
CA ALA B 231 16.73 -4.66 2.08
C ALA B 231 15.61 -4.17 3.00
N ARG B 232 14.54 -3.66 2.42
CA ARG B 232 13.40 -3.18 3.20
C ARG B 232 12.75 -4.31 4.01
N ASN B 233 12.91 -5.55 3.54
CA ASN B 233 12.33 -6.71 4.20
C ASN B 233 13.31 -7.50 5.08
N VAL B 234 14.36 -6.83 5.54
CA VAL B 234 15.34 -7.45 6.42
C VAL B 234 15.42 -6.54 7.63
N LEU B 235 15.40 -7.12 8.83
CA LEU B 235 15.48 -6.32 10.05
C LEU B 235 16.80 -6.60 10.75
N VAL B 236 17.25 -5.64 11.57
CA VAL B 236 18.50 -5.76 12.28
C VAL B 236 18.28 -5.68 13.79
N THR B 237 18.82 -6.64 14.53
CA THR B 237 18.68 -6.68 15.99
C THR B 237 19.68 -5.75 16.67
N GLU B 238 19.51 -5.59 17.99
CA GLU B 238 20.39 -4.73 18.77
C GLU B 238 21.86 -5.14 18.59
N ASN B 239 22.09 -6.44 18.37
CA ASN B 239 23.45 -6.96 18.20
C ASN B 239 23.83 -7.19 16.73
N ASN B 240 23.14 -6.50 15.84
CA ASN B 240 23.41 -6.59 14.41
C ASN B 240 23.20 -7.96 13.74
N VAL B 241 22.24 -8.72 14.23
CA VAL B 241 21.94 -10.02 13.61
C VAL B 241 20.98 -9.70 12.47
N MET B 242 21.25 -10.21 11.28
CA MET B 242 20.38 -9.97 10.12
C MET B 242 19.23 -10.97 10.05
N LYS B 243 18.00 -10.48 10.02
CA LYS B 243 16.84 -11.38 9.99
C LYS B 243 15.83 -11.07 8.89
N ILE B 244 15.56 -12.07 8.04
CA ILE B 244 14.60 -11.91 6.96
C ILE B 244 13.20 -11.72 7.52
N ALA B 245 12.44 -10.77 6.98
CA ALA B 245 11.11 -10.50 7.48
C ALA B 245 10.09 -10.34 6.36
N ASP B 246 8.86 -10.00 6.73
CA ASP B 246 7.76 -9.79 5.81
C ASP B 246 7.47 -10.99 4.92
N PHE B 247 6.79 -11.97 5.49
CA PHE B 247 6.42 -13.17 4.75
C PHE B 247 5.02 -13.05 4.15
N GLY B 248 4.58 -11.82 3.92
CA GLY B 248 3.26 -11.64 3.34
C GLY B 248 3.13 -12.25 1.96
N LEU B 249 4.20 -12.24 1.18
CA LEU B 249 4.15 -12.80 -0.18
C LEU B 249 4.76 -14.19 -0.24
N ALA B 250 5.40 -14.61 0.85
CA ALA B 250 6.02 -15.94 0.90
C ALA B 250 4.99 -17.06 0.71
N ARG B 251 5.43 -18.18 0.12
CA ARG B 251 4.55 -19.32 -0.13
C ARG B 251 5.27 -20.65 -0.01
N ASP B 252 4.51 -21.70 0.25
CA ASP B 252 5.07 -23.03 0.28
C ASP B 252 5.39 -23.29 -1.19
N ILE B 253 6.40 -24.10 -1.48
CA ILE B 253 6.76 -24.35 -2.87
C ILE B 253 5.61 -24.81 -3.78
N ASN B 254 4.64 -25.53 -3.22
CA ASN B 254 3.53 -26.03 -4.02
C ASN B 254 2.31 -25.14 -4.08
N ASN B 255 2.37 -23.99 -3.43
CA ASN B 255 1.25 -23.08 -3.41
C ASN B 255 1.50 -21.93 -4.37
N ILE B 256 1.67 -22.27 -5.64
CA ILE B 256 1.91 -21.29 -6.69
C ILE B 256 1.31 -21.84 -7.98
N ASP B 257 0.38 -21.11 -8.58
CA ASP B 257 -0.25 -21.55 -9.82
C ASP B 257 0.64 -21.25 -11.01
N TYR B 258 1.34 -22.27 -11.50
CA TYR B 258 2.23 -22.11 -12.63
C TYR B 258 1.43 -21.78 -13.88
N TYR B 259 1.92 -20.82 -14.66
CA TYR B 259 1.30 -20.42 -15.92
C TYR B 259 0.08 -19.51 -15.82
N LYS B 260 -0.51 -19.36 -14.64
CA LYS B 260 -1.67 -18.48 -14.52
C LYS B 260 -1.22 -17.03 -14.74
N LYS B 261 -1.92 -16.31 -15.61
CA LYS B 261 -1.57 -14.91 -15.90
C LYS B 261 -1.46 -13.96 -14.70
N THR B 262 -2.09 -14.30 -13.60
CA THR B 262 -2.06 -13.45 -12.41
C THR B 262 -0.90 -13.75 -11.45
N THR B 263 -0.26 -14.89 -11.63
CA THR B 263 0.85 -15.30 -10.78
C THR B 263 2.03 -14.32 -10.75
N ASN B 264 2.49 -14.03 -9.54
CA ASN B 264 3.61 -13.13 -9.29
C ASN B 264 3.30 -11.68 -9.63
N GLY B 265 2.02 -11.38 -9.82
CA GLY B 265 1.64 -10.04 -10.18
C GLY B 265 1.80 -8.99 -9.07
N ARG B 266 2.03 -9.43 -7.84
CA ARG B 266 2.17 -8.51 -6.72
C ARG B 266 3.61 -8.39 -6.22
N LEU B 267 4.56 -8.90 -6.99
CA LEU B 267 5.96 -8.84 -6.58
C LEU B 267 6.68 -7.60 -7.12
N PRO B 268 7.38 -6.85 -6.25
CA PRO B 268 8.10 -5.65 -6.71
C PRO B 268 9.00 -6.02 -7.90
N VAL B 269 8.75 -5.36 -9.03
CA VAL B 269 9.48 -5.63 -10.26
C VAL B 269 11.01 -5.56 -10.26
N LYS B 270 11.58 -4.59 -9.54
CA LYS B 270 13.04 -4.47 -9.56
C LYS B 270 13.84 -5.52 -8.78
N TRP B 271 13.14 -6.42 -8.08
CA TRP B 271 13.79 -7.48 -7.31
C TRP B 271 13.36 -8.83 -7.85
N MET B 272 12.52 -8.80 -8.88
CA MET B 272 11.94 -9.98 -9.48
C MET B 272 12.66 -10.69 -10.65
N ALA B 273 12.82 -12.00 -10.53
CA ALA B 273 13.46 -12.80 -11.57
C ALA B 273 12.56 -12.77 -12.81
N PRO B 274 13.14 -12.65 -14.01
CA PRO B 274 12.40 -12.60 -15.28
C PRO B 274 11.43 -13.75 -15.52
N GLU B 275 11.82 -14.97 -15.14
CA GLU B 275 10.95 -16.12 -15.35
C GLU B 275 9.67 -15.96 -14.53
N ALA B 276 9.76 -15.21 -13.44
CA ALA B 276 8.60 -14.99 -12.59
C ALA B 276 7.49 -14.36 -13.42
N LEU B 277 7.85 -13.43 -14.29
CA LEU B 277 6.86 -12.77 -15.13
C LEU B 277 6.63 -13.47 -16.47
N PHE B 278 7.70 -13.72 -17.23
CA PHE B 278 7.59 -14.36 -18.54
C PHE B 278 6.93 -15.74 -18.52
N ASP B 279 7.35 -16.59 -17.58
CA ASP B 279 6.82 -17.95 -17.53
C ASP B 279 5.77 -18.21 -16.45
N ARG B 280 5.59 -17.24 -15.54
CA ARG B 280 4.62 -17.37 -14.47
C ARG B 280 4.89 -18.57 -13.57
N VAL B 281 6.13 -18.68 -13.13
CA VAL B 281 6.55 -19.74 -12.21
C VAL B 281 7.42 -19.12 -11.12
N TYR B 282 7.69 -19.86 -10.06
CA TYR B 282 8.55 -19.34 -9.01
C TYR B 282 9.24 -20.47 -8.26
N THR B 283 10.58 -20.51 -8.32
CA THR B 283 11.35 -21.54 -7.63
C THR B 283 12.37 -20.88 -6.70
N HIS B 284 13.12 -21.68 -5.96
CA HIS B 284 14.11 -21.14 -5.05
C HIS B 284 15.14 -20.34 -5.83
N GLN B 285 15.38 -20.76 -7.08
CA GLN B 285 16.33 -20.06 -7.92
C GLN B 285 15.80 -18.65 -8.23
N SER B 286 14.48 -18.47 -8.17
CA SER B 286 13.90 -17.15 -8.39
C SER B 286 14.35 -16.27 -7.22
N ASP B 287 14.33 -16.84 -6.01
CA ASP B 287 14.74 -16.09 -4.82
C ASP B 287 16.22 -15.69 -4.89
N VAL B 288 17.08 -16.55 -5.44
CA VAL B 288 18.48 -16.19 -5.50
C VAL B 288 18.67 -15.02 -6.45
N TRP B 289 17.79 -14.86 -7.42
CA TRP B 289 17.92 -13.71 -8.31
C TRP B 289 17.71 -12.49 -7.44
N SER B 290 16.66 -12.53 -6.62
CA SER B 290 16.33 -11.44 -5.71
C SER B 290 17.45 -11.23 -4.71
N PHE B 291 18.10 -12.31 -4.32
CA PHE B 291 19.19 -12.21 -3.37
C PHE B 291 20.28 -11.36 -3.99
N GLY B 292 20.41 -11.47 -5.32
CA GLY B 292 21.40 -10.71 -6.05
C GLY B 292 21.18 -9.21 -5.94
N VAL B 293 19.93 -8.77 -6.07
CA VAL B 293 19.60 -7.36 -5.98
C VAL B 293 19.80 -6.88 -4.55
N LEU B 294 19.40 -7.72 -3.60
CA LEU B 294 19.57 -7.41 -2.19
C LEU B 294 21.07 -7.18 -1.91
N MET B 295 21.92 -8.01 -2.52
CA MET B 295 23.37 -7.89 -2.37
C MET B 295 23.83 -6.54 -2.87
N TRP B 296 23.36 -6.19 -4.07
CA TRP B 296 23.72 -4.90 -4.67
C TRP B 296 23.30 -3.77 -3.73
N GLU B 297 22.11 -3.88 -3.13
CA GLU B 297 21.63 -2.87 -2.20
C GLU B 297 22.57 -2.82 -0.99
N ILE B 298 23.04 -3.98 -0.57
CA ILE B 298 23.90 -4.03 0.59
C ILE B 298 25.23 -3.34 0.34
N PHE B 299 25.87 -3.67 -0.78
CA PHE B 299 27.15 -3.06 -1.07
C PHE B 299 27.12 -1.63 -1.59
N THR B 300 25.92 -1.09 -1.83
CA THR B 300 25.80 0.30 -2.26
C THR B 300 25.38 1.05 -1.02
N LEU B 301 25.30 0.32 0.10
CA LEU B 301 24.91 0.88 1.39
C LEU B 301 23.50 1.44 1.36
N GLY B 302 22.57 0.69 0.76
CA GLY B 302 21.20 1.14 0.71
C GLY B 302 20.77 1.78 -0.60
N GLY B 303 21.58 1.65 -1.65
CA GLY B 303 21.22 2.24 -2.92
C GLY B 303 19.94 1.65 -3.50
N SER B 304 19.29 2.40 -4.39
CA SER B 304 18.06 1.94 -5.03
C SER B 304 18.47 1.26 -6.34
N PRO B 305 18.01 0.03 -6.57
CA PRO B 305 18.35 -0.71 -7.80
C PRO B 305 17.92 -0.06 -9.12
N TYR B 306 18.74 -0.27 -10.14
CA TYR B 306 18.49 0.26 -11.48
C TYR B 306 18.11 1.75 -11.42
N PRO B 307 18.95 2.58 -10.80
CA PRO B 307 18.63 4.01 -10.72
C PRO B 307 18.37 4.67 -12.08
N GLY B 308 17.30 5.46 -12.14
CA GLY B 308 16.96 6.14 -13.37
C GLY B 308 16.21 5.30 -14.38
N ILE B 309 15.97 4.05 -14.05
CA ILE B 309 15.23 3.18 -14.96
C ILE B 309 13.88 2.83 -14.37
N PRO B 310 12.79 3.27 -15.03
CA PRO B 310 11.43 3.00 -14.56
C PRO B 310 11.06 1.53 -14.73
N VAL B 311 10.19 1.02 -13.86
CA VAL B 311 9.80 -0.37 -13.94
C VAL B 311 9.16 -0.76 -15.25
N GLU B 312 8.43 0.16 -15.89
CA GLU B 312 7.80 -0.21 -17.15
C GLU B 312 8.79 -0.48 -18.28
N GLU B 313 10.07 -0.17 -18.05
CA GLU B 313 11.08 -0.39 -19.07
C GLU B 313 12.17 -1.38 -18.66
N LEU B 314 12.11 -1.84 -17.42
CA LEU B 314 13.13 -2.76 -16.91
C LEU B 314 13.32 -4.10 -17.62
N PHE B 315 12.23 -4.83 -17.84
CA PHE B 315 12.35 -6.15 -18.45
C PHE B 315 12.85 -6.23 -19.89
N LYS B 316 12.58 -5.21 -20.70
CA LYS B 316 13.06 -5.24 -22.07
C LYS B 316 14.59 -5.21 -21.97
N LEU B 317 15.09 -4.32 -21.11
CA LEU B 317 16.52 -4.17 -20.90
C LEU B 317 17.17 -5.46 -20.39
N LEU B 318 16.59 -6.06 -19.35
CA LEU B 318 17.13 -7.29 -18.80
C LEU B 318 17.22 -8.35 -19.89
N LYS B 319 16.20 -8.43 -20.74
CA LYS B 319 16.18 -9.40 -21.83
C LYS B 319 17.34 -9.11 -22.78
N GLU B 320 17.72 -7.84 -22.88
CA GLU B 320 18.83 -7.46 -23.75
C GLU B 320 20.17 -7.67 -23.07
N GLY B 321 20.14 -8.29 -21.90
CA GLY B 321 21.38 -8.57 -21.18
C GLY B 321 21.80 -7.57 -20.12
N HIS B 322 21.10 -6.43 -20.05
CA HIS B 322 21.44 -5.40 -19.06
C HIS B 322 21.46 -5.93 -17.62
N ARG B 323 22.39 -5.39 -16.83
CA ARG B 323 22.55 -5.76 -15.42
C ARG B 323 23.18 -4.56 -14.72
N MET B 324 22.89 -4.38 -13.44
CA MET B 324 23.46 -3.27 -12.70
C MET B 324 24.99 -3.34 -12.66
N ASP B 325 25.61 -2.18 -12.44
CA ASP B 325 27.08 -2.08 -12.36
C ASP B 325 27.61 -2.44 -10.99
N LYS B 326 28.91 -2.69 -10.93
CA LYS B 326 29.58 -3.02 -9.68
C LYS B 326 29.53 -1.83 -8.72
N PRO B 327 29.11 -2.07 -7.47
CA PRO B 327 29.05 -0.95 -6.52
C PRO B 327 30.47 -0.47 -6.23
N ALA B 328 30.61 0.81 -5.89
CA ALA B 328 31.91 1.38 -5.59
C ALA B 328 32.46 0.74 -4.32
N ASN B 329 33.73 0.34 -4.38
CA ASN B 329 34.43 -0.30 -3.27
C ASN B 329 34.17 -1.79 -3.18
N CYS B 330 33.30 -2.27 -4.06
CA CYS B 330 32.96 -3.69 -4.10
C CYS B 330 34.05 -4.46 -4.85
N THR B 331 34.39 -5.64 -4.36
CA THR B 331 35.41 -6.45 -5.00
C THR B 331 34.81 -7.09 -6.26
N ASN B 332 35.65 -7.38 -7.25
CA ASN B 332 35.17 -7.99 -8.48
C ASN B 332 34.52 -9.33 -8.16
N GLU B 333 35.10 -10.04 -7.19
CA GLU B 333 34.62 -11.34 -6.77
C GLU B 333 33.17 -11.30 -6.28
N LEU B 334 32.84 -10.31 -5.47
CA LEU B 334 31.48 -10.17 -4.97
C LEU B 334 30.53 -9.70 -6.08
N TYR B 335 31.04 -8.90 -7.00
CA TYR B 335 30.21 -8.44 -8.11
C TYR B 335 29.87 -9.61 -9.03
N MET B 336 30.85 -10.47 -9.26
CA MET B 336 30.63 -11.64 -10.11
C MET B 336 29.58 -12.55 -9.47
N MET B 337 29.53 -12.53 -8.13
CA MET B 337 28.55 -13.32 -7.41
C MET B 337 27.15 -12.76 -7.71
N MET B 338 27.03 -11.43 -7.68
CA MET B 338 25.76 -10.79 -7.98
C MET B 338 25.35 -11.18 -9.40
N ARG B 339 26.31 -11.11 -10.31
CA ARG B 339 26.06 -11.43 -11.72
C ARG B 339 25.61 -12.88 -11.90
N ASP B 340 26.18 -13.79 -11.14
CA ASP B 340 25.78 -15.19 -11.25
C ASP B 340 24.33 -15.34 -10.79
N CYS B 341 23.94 -14.55 -9.80
CA CYS B 341 22.58 -14.60 -9.31
C CYS B 341 21.62 -14.09 -10.37
N TRP B 342 22.10 -13.18 -11.22
CA TRP B 342 21.27 -12.61 -12.27
C TRP B 342 21.40 -13.35 -13.60
N HIS B 343 21.69 -14.64 -13.53
CA HIS B 343 21.82 -15.42 -14.75
C HIS B 343 20.42 -15.60 -15.35
N ALA B 344 20.32 -15.49 -16.67
CA ALA B 344 19.05 -15.63 -17.35
C ALA B 344 18.44 -16.99 -17.05
N VAL B 345 19.28 -18.02 -17.03
CA VAL B 345 18.82 -19.38 -16.75
C VAL B 345 18.86 -19.69 -15.25
N PRO B 346 17.70 -19.93 -14.64
CA PRO B 346 17.58 -20.22 -13.21
C PRO B 346 18.54 -21.28 -12.67
N SER B 347 18.64 -22.40 -13.36
CA SER B 347 19.51 -23.50 -12.94
C SER B 347 21.00 -23.16 -13.04
N GLN B 348 21.34 -22.10 -13.76
CA GLN B 348 22.74 -21.72 -13.87
C GLN B 348 23.12 -20.71 -12.79
N ARG B 349 22.14 -20.27 -12.01
CA ARG B 349 22.38 -19.34 -10.91
C ARG B 349 22.84 -20.22 -9.76
N PRO B 350 23.60 -19.65 -8.82
CA PRO B 350 24.02 -20.51 -7.71
C PRO B 350 22.86 -20.78 -6.78
N THR B 351 22.99 -21.84 -5.98
CA THR B 351 21.97 -22.20 -4.99
C THR B 351 22.32 -21.44 -3.73
N PHE B 352 21.41 -21.37 -2.78
CA PHE B 352 21.71 -20.68 -1.55
C PHE B 352 22.79 -21.42 -0.77
N LYS B 353 22.91 -22.72 -1.01
CA LYS B 353 23.94 -23.48 -0.31
C LYS B 353 25.30 -23.05 -0.83
N GLN B 354 25.43 -22.92 -2.14
CA GLN B 354 26.70 -22.50 -2.72
C GLN B 354 27.04 -21.05 -2.33
N LEU B 355 26.02 -20.20 -2.22
CA LEU B 355 26.27 -18.82 -1.84
C LEU B 355 26.81 -18.77 -0.42
N VAL B 356 26.22 -19.59 0.46
CA VAL B 356 26.63 -19.64 1.84
C VAL B 356 28.08 -20.08 1.97
N GLU B 357 28.47 -21.06 1.15
CA GLU B 357 29.83 -21.57 1.15
C GLU B 357 30.85 -20.55 0.60
N ASP B 358 30.50 -19.86 -0.48
CA ASP B 358 31.41 -18.87 -1.02
C ASP B 358 31.53 -17.67 -0.10
N LEU B 359 30.42 -17.24 0.49
CA LEU B 359 30.44 -16.11 1.42
C LEU B 359 31.23 -16.42 2.70
N ASP B 360 31.14 -17.65 3.18
CA ASP B 360 31.87 -18.05 4.38
C ASP B 360 33.35 -17.91 4.06
N ARG B 361 33.76 -18.38 2.87
CA ARG B 361 35.15 -18.30 2.47
C ARG B 361 35.64 -16.85 2.43
N ILE B 362 34.90 -15.99 1.72
CA ILE B 362 35.29 -14.60 1.62
C ILE B 362 35.36 -13.94 2.99
N LEU B 363 34.40 -14.29 3.84
CA LEU B 363 34.33 -13.74 5.18
C LEU B 363 35.56 -14.12 5.98
N THR B 364 35.95 -15.38 5.89
CA THR B 364 37.11 -15.85 6.62
C THR B 364 38.41 -15.22 6.10
N LEU B 365 38.53 -15.07 4.79
CA LEU B 365 39.74 -14.48 4.23
C LEU B 365 39.94 -13.02 4.68
N THR B 366 38.85 -12.28 4.79
CA THR B 366 38.92 -10.89 5.23
C THR B 366 39.38 -10.81 6.68
N THR B 367 38.89 -11.74 7.50
CA THR B 367 39.25 -11.80 8.91
C THR B 367 40.74 -12.06 9.04
N ASN B 368 41.27 -12.87 8.13
CA ASN B 368 42.67 -13.23 8.12
C ASN B 368 43.43 -12.33 7.15
S SO4 C . -10.62 -5.22 -7.44
O1 SO4 C . -11.76 -4.34 -7.11
O2 SO4 C . -11.07 -6.28 -8.35
O3 SO4 C . -9.56 -4.42 -8.08
O4 SO4 C . -10.09 -5.83 -6.21
S SO4 D . -32.61 3.08 12.31
O1 SO4 D . -32.09 2.66 13.63
O2 SO4 D . -32.83 4.53 12.31
O3 SO4 D . -31.65 2.73 11.25
O4 SO4 D . -33.88 2.37 12.07
S SO4 E . 0.66 -13.47 -6.42
O1 SO4 E . 1.87 -12.63 -6.36
O2 SO4 E . 0.99 -14.81 -6.95
O3 SO4 E . 0.06 -13.59 -5.07
O4 SO4 E . -0.32 -12.82 -7.33
S SO4 F . 39.35 -6.39 -6.75
O1 SO4 F . 39.24 -6.40 -5.28
O2 SO4 F . 38.10 -5.85 -7.33
O3 SO4 F . 40.48 -5.54 -7.15
O4 SO4 F . 39.56 -7.77 -7.24
#